data_8DYH
#
_entry.id   8DYH
#
_cell.length_a   170.516
_cell.length_b   35.710
_cell.length_c   45.715
_cell.angle_alpha   90.000
_cell.angle_beta   97.790
_cell.angle_gamma   90.000
#
_symmetry.space_group_name_H-M   'C 1 2 1'
#
loop_
_entity.id
_entity.type
_entity.pdbx_description
1 polymer Interleukin-17A
2 non-polymer (5P)-N-benzyl-6-chloro-5-(quinolin-5-yl)pyridin-3-amine
3 non-polymer GLYCEROL
4 water water
#
_entity_poly.entity_id   1
_entity_poly.type   'polypeptide(L)'
_entity_poly.pdbx_seq_one_letter_code
;GSAMAPNSEDKNFPRTVMVNLNIHNRNTNTNPKRSSDYYNRSTSPWNLHRNEDPERYPSVIWEAKCRHLGCINADGNVDY
HMNSVPIQQEILVLRREPPHSPNSFRLEKILVSVGCTCVTPIVHHVA
;
_entity_poly.pdbx_strand_id   A,B
#
# COMPACT_ATOMS: atom_id res chain seq x y z
N THR A 16 17.54 -12.65 -20.18
CA THR A 16 18.45 -11.53 -20.03
C THR A 16 17.98 -10.30 -20.78
N VAL A 17 17.82 -9.19 -20.07
CA VAL A 17 17.37 -7.94 -20.65
C VAL A 17 18.24 -6.79 -20.16
N MET A 18 18.17 -5.69 -20.88
CA MET A 18 18.93 -4.49 -20.58
C MET A 18 18.02 -3.51 -19.83
N VAL A 19 18.56 -2.89 -18.78
CA VAL A 19 17.77 -1.98 -17.94
C VAL A 19 18.56 -0.69 -17.75
N ASN A 20 18.01 0.42 -18.23
CA ASN A 20 18.56 1.75 -17.98
C ASN A 20 18.07 2.25 -16.63
N LEU A 21 19.01 2.62 -15.75
CA LEU A 21 18.70 3.06 -14.39
C LEU A 21 18.52 4.59 -14.26
N PRO A 32 13.32 7.79 0.38
CA PRO A 32 11.99 7.57 0.98
C PRO A 32 11.49 8.81 1.70
N LYS A 33 10.19 9.03 1.65
CA LYS A 33 9.63 10.23 2.25
C LYS A 33 8.29 9.89 2.88
N ARG A 34 7.80 10.78 3.74
CA ARG A 34 6.44 10.64 4.28
C ARG A 34 5.73 11.96 4.04
N SER A 35 4.88 11.98 3.02
CA SER A 35 4.18 13.17 2.53
C SER A 35 2.68 13.14 2.76
N SER A 36 2.14 12.08 3.34
N SER A 36 2.13 12.08 3.31
CA SER A 36 0.71 11.97 3.65
CA SER A 36 0.72 11.98 3.65
C SER A 36 0.53 11.89 5.16
C SER A 36 0.57 11.94 5.16
N ASP A 37 -0.48 12.58 5.70
CA ASP A 37 -0.77 12.53 7.13
C ASP A 37 -1.74 11.40 7.54
N TYR A 38 -2.11 10.49 6.63
CA TYR A 38 -3.06 9.45 7.00
C TYR A 38 -2.60 8.64 8.21
N TYR A 39 -1.30 8.35 8.28
CA TYR A 39 -0.76 7.54 9.36
C TYR A 39 -1.22 8.00 10.72
N ASN A 40 -1.44 9.31 10.90
CA ASN A 40 -1.81 9.87 12.18
C ASN A 40 -3.31 10.11 12.32
N ARG A 41 -4.02 10.26 11.20
CA ARG A 41 -5.46 10.53 11.19
C ARG A 41 -6.30 9.26 11.14
N SER A 42 -5.67 8.09 10.94
CA SER A 42 -6.33 6.80 10.80
C SER A 42 -6.85 6.26 12.14
N THR A 43 -7.92 5.46 12.09
CA THR A 43 -8.36 4.68 13.24
C THR A 43 -7.44 3.49 13.46
N SER A 44 -6.62 3.16 12.45
CA SER A 44 -5.57 2.14 12.54
C SER A 44 -4.23 2.81 12.24
N PRO A 45 -3.76 3.67 13.12
CA PRO A 45 -2.53 4.40 12.83
C PRO A 45 -1.32 3.48 12.78
N TRP A 46 -0.27 3.97 12.12
CA TRP A 46 0.94 3.20 11.95
C TRP A 46 2.20 4.09 12.03
N ASN A 47 3.32 3.45 12.36
CA ASN A 47 4.65 4.05 12.40
C ASN A 47 5.43 3.52 11.21
N LEU A 48 6.57 4.14 10.91
CA LEU A 48 7.43 3.66 9.84
C LEU A 48 8.75 3.16 10.43
N HIS A 49 9.22 2.02 9.92
CA HIS A 49 10.46 1.38 10.32
C HIS A 49 11.37 1.28 9.10
N ARG A 50 12.66 1.44 9.35
CA ARG A 50 13.66 1.47 8.29
C ARG A 50 14.05 0.03 7.90
N ASN A 51 13.93 -0.27 6.62
CA ASN A 51 14.33 -1.56 6.04
C ASN A 51 15.49 -1.28 5.10
N GLU A 52 16.73 -1.53 5.54
CA GLU A 52 17.92 -1.20 4.78
C GLU A 52 18.67 -2.46 4.32
N ASP A 53 19.18 -2.42 3.09
CA ASP A 53 19.94 -3.46 2.43
C ASP A 53 20.90 -2.79 1.46
N PRO A 54 22.21 -2.82 1.73
CA PRO A 54 23.14 -2.07 0.88
C PRO A 54 23.35 -2.69 -0.50
N GLU A 55 23.11 -3.99 -0.68
CA GLU A 55 23.25 -4.62 -1.98
C GLU A 55 21.94 -4.64 -2.76
N ARG A 56 21.02 -3.75 -2.45
CA ARG A 56 19.68 -3.71 -3.03
C ARG A 56 19.39 -2.30 -3.54
N TYR A 57 18.57 -2.22 -4.58
CA TYR A 57 18.08 -0.95 -5.10
C TYR A 57 16.56 -0.99 -5.10
N PRO A 58 15.88 -0.09 -4.38
CA PRO A 58 16.51 0.91 -3.52
C PRO A 58 17.09 0.31 -2.24
N SER A 59 18.12 0.94 -1.68
CA SER A 59 18.75 0.35 -0.49
C SER A 59 17.88 0.54 0.75
N VAL A 60 17.12 1.63 0.84
CA VAL A 60 16.31 1.94 2.01
C VAL A 60 14.83 1.96 1.61
N ILE A 61 14.02 1.19 2.34
CA ILE A 61 12.57 1.18 2.17
C ILE A 61 11.96 1.47 3.53
N TRP A 62 10.89 2.29 3.57
CA TRP A 62 10.22 2.61 4.83
C TRP A 62 8.95 1.79 4.93
N GLU A 63 8.89 0.87 5.89
CA GLU A 63 7.79 -0.07 6.02
C GLU A 63 6.88 0.30 7.19
N ALA A 64 5.57 0.16 6.99
CA ALA A 64 4.62 0.52 8.04
C ALA A 64 4.45 -0.60 9.05
N LYS A 65 4.25 -0.21 10.30
CA LYS A 65 3.89 -1.15 11.36
C LYS A 65 2.75 -0.55 12.15
N CYS A 66 1.66 -1.31 12.30
CA CYS A 66 0.50 -0.82 13.05
C CYS A 66 0.91 -0.47 14.48
N ARG A 67 0.41 0.68 14.96
CA ARG A 67 0.74 1.14 16.31
C ARG A 67 0.08 0.29 17.39
N HIS A 68 -1.19 -0.06 17.21
CA HIS A 68 -1.96 -0.80 18.20
C HIS A 68 -2.46 -2.12 17.65
N LEU A 69 -2.74 -3.05 18.57
CA LEU A 69 -3.45 -4.28 18.19
C LEU A 69 -4.87 -3.97 17.72
N GLY A 70 -5.54 -3.01 18.35
CA GLY A 70 -6.90 -2.62 18.04
C GLY A 70 -7.01 -1.40 17.15
N CYS A 71 -8.19 -0.77 17.17
CA CYS A 71 -8.43 0.47 16.42
C CYS A 71 -8.95 1.55 17.35
N ILE A 72 -8.79 2.81 16.94
CA ILE A 72 -9.19 3.94 17.78
C ILE A 72 -10.70 4.15 17.66
N ASN A 73 -11.40 4.22 18.80
CA ASN A 73 -12.83 4.49 18.79
C ASN A 73 -13.11 5.99 18.86
N ALA A 74 -14.40 6.37 18.85
CA ALA A 74 -14.75 7.78 18.75
C ALA A 74 -14.25 8.57 19.96
N ASP A 75 -14.09 7.93 21.12
CA ASP A 75 -13.55 8.53 22.35
C ASP A 75 -12.04 8.67 22.33
N GLY A 76 -11.38 8.21 21.28
CA GLY A 76 -9.94 8.27 21.25
C GLY A 76 -9.22 7.12 21.91
N ASN A 77 -9.92 6.06 22.28
CA ASN A 77 -9.33 4.93 22.99
C ASN A 77 -9.20 3.72 22.09
N VAL A 78 -8.28 2.82 22.46
CA VAL A 78 -8.06 1.60 21.70
C VAL A 78 -9.19 0.61 21.99
N ASP A 79 -9.87 0.17 20.92
CA ASP A 79 -10.90 -0.87 20.99
C ASP A 79 -10.22 -2.19 20.60
N TYR A 80 -10.00 -3.08 21.59
CA TYR A 80 -9.25 -4.30 21.36
C TYR A 80 -10.08 -5.37 20.65
N HIS A 81 -11.37 -5.15 20.49
CA HIS A 81 -12.11 -6.14 19.72
C HIS A 81 -11.77 -6.05 18.23
N MET A 82 -11.73 -4.82 17.67
CA MET A 82 -11.39 -4.60 16.27
C MET A 82 -9.87 -4.88 16.12
N ASN A 83 -9.40 -4.98 14.88
CA ASN A 83 -8.01 -5.31 14.57
C ASN A 83 -7.43 -4.30 13.60
N SER A 84 -6.23 -3.81 13.91
CA SER A 84 -5.40 -3.04 12.99
C SER A 84 -4.57 -4.03 12.18
N VAL A 85 -4.64 -3.98 10.85
CA VAL A 85 -3.86 -4.96 10.12
C VAL A 85 -3.05 -4.27 9.01
N PRO A 86 -1.84 -4.75 8.74
CA PRO A 86 -1.01 -4.10 7.71
C PRO A 86 -1.53 -4.41 6.33
N ILE A 87 -1.37 -3.42 5.45
CA ILE A 87 -1.71 -3.55 4.04
C ILE A 87 -0.41 -3.83 3.33
N GLN A 88 -0.32 -4.94 2.61
CA GLN A 88 0.92 -5.31 1.95
C GLN A 88 0.82 -5.09 0.44
N GLN A 89 1.97 -4.85 -0.18
CA GLN A 89 2.04 -4.64 -1.62
C GLN A 89 3.29 -5.35 -2.13
N GLU A 90 3.15 -6.07 -3.23
CA GLU A 90 4.30 -6.71 -3.88
C GLU A 90 5.02 -5.69 -4.76
N ILE A 91 6.33 -5.59 -4.60
CA ILE A 91 7.13 -4.57 -5.26
C ILE A 91 8.38 -5.19 -5.85
N LEU A 92 8.95 -4.50 -6.85
CA LEU A 92 10.12 -4.95 -7.58
C LEU A 92 11.37 -4.30 -7.00
N VAL A 93 12.40 -5.10 -6.75
CA VAL A 93 13.68 -4.58 -6.32
C VAL A 93 14.79 -5.22 -7.13
N LEU A 94 15.92 -4.52 -7.22
CA LEU A 94 17.10 -4.99 -7.92
C LEU A 94 18.14 -5.39 -6.87
N ARG A 95 18.71 -6.59 -7.01
CA ARG A 95 19.71 -7.11 -6.10
C ARG A 95 21.02 -7.34 -6.85
N ARG A 96 22.14 -7.08 -6.18
CA ARG A 96 23.46 -7.26 -6.79
C ARG A 96 23.79 -8.75 -7.00
N PHE A 105 23.48 -8.38 -11.31
CA PHE A 105 22.24 -7.67 -10.98
C PHE A 105 20.99 -8.47 -11.41
N ARG A 106 20.16 -8.83 -10.44
CA ARG A 106 18.97 -9.64 -10.70
C ARG A 106 17.75 -8.98 -10.08
N LEU A 107 16.59 -9.34 -10.61
CA LEU A 107 15.31 -8.75 -10.25
C LEU A 107 14.56 -9.67 -9.28
N GLU A 108 14.06 -9.10 -8.19
CA GLU A 108 13.37 -9.86 -7.15
C GLU A 108 12.07 -9.16 -6.74
N LYS A 109 11.09 -9.95 -6.34
CA LYS A 109 9.79 -9.43 -5.90
C LYS A 109 9.63 -9.70 -4.41
N ILE A 110 9.38 -8.62 -3.64
CA ILE A 110 9.22 -8.72 -2.18
C ILE A 110 7.92 -8.04 -1.76
N LEU A 111 7.42 -8.44 -0.58
CA LEU A 111 6.22 -7.86 0.02
C LEU A 111 6.59 -6.83 1.08
N VAL A 112 5.88 -5.71 1.07
CA VAL A 112 6.20 -4.56 1.90
C VAL A 112 4.90 -4.04 2.51
N SER A 113 4.92 -3.67 3.78
CA SER A 113 3.76 -3.03 4.40
C SER A 113 3.77 -1.54 4.09
N VAL A 114 2.63 -1.03 3.63
CA VAL A 114 2.52 0.36 3.21
C VAL A 114 1.61 1.17 4.12
N GLY A 115 0.82 0.53 4.95
CA GLY A 115 -0.10 1.22 5.84
C GLY A 115 -0.89 0.20 6.62
N CYS A 116 -1.93 0.67 7.32
CA CYS A 116 -2.77 -0.23 8.10
C CYS A 116 -4.24 0.14 7.91
N THR A 117 -5.10 -0.87 7.96
CA THR A 117 -6.54 -0.67 7.94
C THR A 117 -7.16 -1.30 9.18
N CYS A 118 -8.41 -0.94 9.48
CA CYS A 118 -9.14 -1.49 10.61
C CYS A 118 -10.13 -2.55 10.12
N VAL A 119 -10.05 -3.77 10.67
CA VAL A 119 -11.01 -4.80 10.29
C VAL A 119 -11.76 -5.30 11.51
N THR A 120 -13.02 -5.79 11.25
CA THR A 120 -13.72 -6.58 12.22
C THR A 120 -13.11 -7.98 12.21
N PRO A 121 -12.93 -8.61 13.36
CA PRO A 121 -12.22 -9.90 13.40
C PRO A 121 -13.07 -10.99 12.81
N ILE A 122 -12.43 -12.09 12.44
CA ILE A 122 -13.13 -13.33 12.12
C ILE A 122 -13.58 -13.98 13.45
N VAL A 123 -14.89 -14.05 13.70
CA VAL A 123 -15.41 -14.53 14.99
C VAL A 123 -16.26 -15.79 14.83
N HIS A 124 -16.13 -16.49 13.70
CA HIS A 124 -16.82 -17.75 13.48
C HIS A 124 -15.85 -18.74 12.86
N HIS A 125 -16.20 -20.03 12.95
CA HIS A 125 -15.33 -21.10 12.49
C HIS A 125 -15.20 -21.18 10.98
N THR B 16 23.09 1.67 -16.54
CA THR B 16 22.65 0.54 -17.35
C THR B 16 23.25 -0.78 -16.86
N VAL B 17 22.41 -1.80 -16.77
CA VAL B 17 22.80 -3.12 -16.28
C VAL B 17 22.05 -4.18 -17.07
N MET B 18 22.39 -5.43 -16.81
CA MET B 18 21.71 -6.58 -17.39
C MET B 18 21.03 -7.34 -16.26
N VAL B 19 19.81 -7.83 -16.53
CA VAL B 19 19.00 -8.49 -15.53
C VAL B 19 18.35 -9.72 -16.16
N ASN B 20 18.24 -10.80 -15.37
CA ASN B 20 17.68 -12.05 -15.86
C ASN B 20 16.15 -11.98 -16.01
N ASP B 37 -8.55 -11.29 1.42
CA ASP B 37 -9.92 -11.34 1.94
C ASP B 37 -10.15 -10.37 3.10
N TYR B 38 -9.09 -10.01 3.83
CA TYR B 38 -9.29 -9.11 4.98
C TYR B 38 -9.90 -7.78 4.57
N TYR B 39 -9.66 -7.31 3.36
CA TYR B 39 -10.22 -6.03 2.94
C TYR B 39 -11.75 -6.04 2.84
N ASN B 40 -12.38 -7.22 2.86
CA ASN B 40 -13.83 -7.34 2.93
C ASN B 40 -14.35 -7.02 4.33
N ARG B 41 -13.50 -7.17 5.36
CA ARG B 41 -13.88 -6.95 6.75
C ARG B 41 -13.51 -5.58 7.27
N SER B 42 -12.90 -4.75 6.41
CA SER B 42 -12.42 -3.42 6.78
C SER B 42 -13.55 -2.44 6.96
N THR B 43 -13.34 -1.44 7.85
CA THR B 43 -14.28 -0.32 7.96
C THR B 43 -14.13 0.65 6.79
N SER B 44 -13.08 0.50 5.99
CA SER B 44 -12.86 1.29 4.78
C SER B 44 -12.56 0.30 3.67
N PRO B 45 -13.55 -0.52 3.31
CA PRO B 45 -13.30 -1.64 2.39
C PRO B 45 -13.04 -1.17 0.97
N TRP B 46 -12.41 -2.07 0.22
CA TRP B 46 -12.05 -1.76 -1.16
C TRP B 46 -12.29 -2.95 -2.07
N ASN B 47 -12.29 -2.66 -3.37
CA ASN B 47 -12.32 -3.66 -4.42
C ASN B 47 -10.99 -3.64 -5.16
N LEU B 48 -10.60 -4.78 -5.72
CA LEU B 48 -9.36 -4.84 -6.46
C LEU B 48 -9.66 -4.65 -7.95
N HIS B 49 -8.78 -3.92 -8.65
CA HIS B 49 -8.97 -3.58 -10.05
C HIS B 49 -7.72 -3.92 -10.83
N ARG B 50 -7.89 -4.66 -11.94
CA ARG B 50 -6.77 -5.07 -12.78
C ARG B 50 -6.19 -3.89 -13.55
N ASN B 51 -4.91 -3.64 -13.37
CA ASN B 51 -4.17 -2.61 -14.09
C ASN B 51 -3.20 -3.33 -15.02
N GLU B 52 -3.50 -3.35 -16.32
CA GLU B 52 -2.72 -4.10 -17.31
C GLU B 52 -2.00 -3.15 -18.25
N ASP B 53 -0.78 -3.53 -18.64
CA ASP B 53 0.04 -2.76 -19.56
C ASP B 53 1.12 -3.66 -20.15
N PRO B 54 0.99 -4.09 -21.41
CA PRO B 54 2.02 -4.98 -21.99
C PRO B 54 3.37 -4.29 -22.18
N GLU B 55 3.41 -2.97 -22.22
CA GLU B 55 4.64 -2.20 -22.32
C GLU B 55 5.34 -2.04 -20.97
N ARG B 56 5.00 -2.87 -20.00
CA ARG B 56 5.42 -2.67 -18.62
C ARG B 56 5.73 -4.00 -17.97
N TYR B 57 6.71 -3.99 -17.07
CA TYR B 57 7.00 -5.15 -16.23
C TYR B 57 7.00 -4.67 -14.78
N PRO B 58 6.12 -5.21 -13.92
CA PRO B 58 5.13 -6.25 -14.22
C PRO B 58 3.97 -5.74 -15.06
N SER B 59 3.46 -6.59 -15.96
CA SER B 59 2.40 -6.16 -16.85
C SER B 59 1.09 -5.93 -16.11
N VAL B 60 0.82 -6.73 -15.08
CA VAL B 60 -0.43 -6.64 -14.31
C VAL B 60 -0.12 -6.19 -12.89
N ILE B 61 -0.78 -5.12 -12.46
CA ILE B 61 -0.70 -4.64 -11.08
C ILE B 61 -2.12 -4.53 -10.54
N TRP B 62 -2.34 -5.03 -9.32
CA TRP B 62 -3.67 -5.02 -8.71
C TRP B 62 -3.80 -3.77 -7.84
N GLU B 63 -4.71 -2.87 -8.23
CA GLU B 63 -4.91 -1.60 -7.55
C GLU B 63 -6.21 -1.61 -6.76
N ALA B 64 -6.23 -0.87 -5.67
CA ALA B 64 -7.40 -0.79 -4.78
C ALA B 64 -8.23 0.43 -5.13
N LYS B 65 -9.55 0.30 -5.07
CA LYS B 65 -10.44 1.44 -5.14
C LYS B 65 -11.40 1.33 -3.97
N CYS B 66 -11.45 2.36 -3.12
CA CYS B 66 -12.31 2.32 -1.95
C CYS B 66 -13.77 2.20 -2.40
N ARG B 67 -14.56 1.41 -1.66
CA ARG B 67 -15.97 1.24 -2.01
C ARG B 67 -16.78 2.47 -1.70
N HIS B 68 -16.47 3.14 -0.59
CA HIS B 68 -17.34 4.20 -0.12
C HIS B 68 -16.50 5.41 0.20
N LEU B 69 -17.18 6.55 0.31
CA LEU B 69 -16.54 7.76 0.79
C LEU B 69 -16.47 7.79 2.32
N GLY B 70 -17.54 7.37 3.01
CA GLY B 70 -17.51 7.22 4.46
C GLY B 70 -16.88 5.89 4.87
N CYS B 71 -16.97 5.57 6.18
CA CYS B 71 -16.51 4.32 6.76
C CYS B 71 -17.71 3.52 7.32
N ILE B 72 -17.52 2.20 7.44
CA ILE B 72 -18.56 1.34 7.97
C ILE B 72 -18.62 1.51 9.49
N ASN B 73 -19.79 1.87 10.02
CA ASN B 73 -19.94 2.02 11.46
C ASN B 73 -20.31 0.66 12.09
N ALA B 74 -20.58 0.68 13.42
CA ALA B 74 -20.89 -0.55 14.16
C ALA B 74 -22.17 -1.24 13.71
N ASP B 75 -23.14 -0.53 13.13
CA ASP B 75 -24.34 -1.18 12.60
C ASP B 75 -24.21 -1.58 11.13
N GLY B 76 -23.02 -1.46 10.53
CA GLY B 76 -22.76 -1.90 9.17
C GLY B 76 -23.18 -0.92 8.09
N ASN B 77 -23.52 0.31 8.47
CA ASN B 77 -23.85 1.34 7.51
C ASN B 77 -22.68 2.30 7.27
N VAL B 78 -22.67 2.91 6.09
CA VAL B 78 -21.68 3.91 5.77
C VAL B 78 -21.96 5.15 6.61
N ASP B 79 -20.92 5.62 7.31
CA ASP B 79 -20.95 6.76 8.22
C ASP B 79 -20.06 7.86 7.66
N TYR B 80 -20.57 9.08 7.51
CA TYR B 80 -19.76 10.13 6.89
C TYR B 80 -19.07 11.04 7.91
N HIS B 81 -19.12 10.65 9.20
CA HIS B 81 -18.33 11.33 10.20
C HIS B 81 -16.86 10.96 10.07
N MET B 82 -16.55 9.88 9.32
CA MET B 82 -15.19 9.46 9.04
C MET B 82 -15.14 9.19 7.53
N ASN B 83 -13.95 9.16 6.90
CA ASN B 83 -13.82 8.93 5.45
C ASN B 83 -12.89 7.77 5.12
N SER B 84 -13.23 6.98 4.08
CA SER B 84 -12.29 6.01 3.52
C SER B 84 -11.35 6.76 2.59
N VAL B 85 -10.04 6.50 2.68
CA VAL B 85 -9.08 7.11 1.76
C VAL B 85 -8.10 6.06 1.25
N PRO B 86 -7.72 6.11 -0.03
CA PRO B 86 -6.76 5.13 -0.54
C PRO B 86 -5.35 5.49 -0.11
N ILE B 87 -4.56 4.49 0.25
CA ILE B 87 -3.14 4.71 0.54
C ILE B 87 -2.35 4.49 -0.75
N GLN B 88 -1.57 5.48 -1.15
CA GLN B 88 -0.80 5.41 -2.37
C GLN B 88 0.65 5.03 -2.06
N GLN B 89 1.31 4.47 -3.05
CA GLN B 89 2.71 4.06 -2.92
C GLN B 89 3.41 4.23 -4.26
N GLU B 90 4.65 4.71 -4.23
CA GLU B 90 5.46 4.84 -5.43
C GLU B 90 6.19 3.52 -5.67
N ILE B 91 5.89 2.88 -6.79
CA ILE B 91 6.39 1.54 -7.12
C ILE B 91 7.38 1.65 -8.27
N LEU B 92 8.45 0.86 -8.20
CA LEU B 92 9.40 0.75 -9.31
C LEU B 92 8.85 -0.20 -10.38
N VAL B 93 9.08 0.16 -11.64
CA VAL B 93 8.52 -0.57 -12.77
C VAL B 93 9.52 -0.47 -13.93
N LEU B 94 9.47 -1.46 -14.82
CA LEU B 94 10.29 -1.48 -16.03
C LEU B 94 9.40 -1.13 -17.21
N ARG B 95 9.78 -0.10 -17.97
CA ARG B 95 9.06 0.31 -19.16
C ARG B 95 9.90 0.04 -20.39
N ARG B 96 9.31 -0.64 -21.38
CA ARG B 96 10.04 -0.98 -22.60
C ARG B 96 10.53 0.28 -23.30
N GLU B 97 11.85 0.38 -23.50
CA GLU B 97 12.48 1.53 -24.12
C GLU B 97 13.53 1.04 -25.11
N PRO B 98 13.46 1.47 -26.38
CA PRO B 98 12.39 2.30 -26.92
C PRO B 98 11.07 1.55 -27.05
N PRO B 99 9.97 2.27 -27.29
CA PRO B 99 8.66 1.62 -27.31
C PRO B 99 8.64 0.36 -28.16
N HIS B 100 8.09 -0.72 -27.59
CA HIS B 100 7.94 -1.99 -28.29
C HIS B 100 9.30 -2.67 -28.50
N SER B 101 9.99 -2.96 -27.40
CA SER B 101 11.25 -3.67 -27.41
C SER B 101 11.15 -4.90 -26.53
N PRO B 102 11.57 -6.08 -27.01
CA PRO B 102 11.39 -7.30 -26.21
C PRO B 102 12.41 -7.49 -25.11
N ASN B 103 13.51 -6.72 -25.09
CA ASN B 103 14.53 -6.97 -24.07
C ASN B 103 15.26 -5.73 -23.61
N SER B 104 14.74 -4.53 -23.87
CA SER B 104 15.39 -3.30 -23.45
C SER B 104 14.38 -2.45 -22.69
N PHE B 105 14.71 -2.09 -21.46
CA PHE B 105 13.79 -1.42 -20.55
C PHE B 105 14.44 -0.19 -19.92
N ARG B 106 13.61 0.71 -19.44
CA ARG B 106 14.04 1.83 -18.60
C ARG B 106 13.31 1.77 -17.26
N LEU B 107 14.03 2.10 -16.19
CA LEU B 107 13.49 2.02 -14.84
C LEU B 107 12.61 3.24 -14.56
N GLU B 108 11.37 2.98 -14.13
CA GLU B 108 10.39 4.04 -13.93
C GLU B 108 9.65 3.84 -12.61
N LYS B 109 9.20 4.94 -12.02
CA LYS B 109 8.45 4.96 -10.77
C LYS B 109 7.03 5.44 -11.05
N ILE B 110 6.04 4.71 -10.54
CA ILE B 110 4.64 5.07 -10.71
C ILE B 110 3.93 5.01 -9.37
N LEU B 111 2.81 5.71 -9.30
CA LEU B 111 2.02 5.82 -8.08
C LEU B 111 0.80 4.92 -8.19
N VAL B 112 0.61 4.06 -7.20
CA VAL B 112 -0.41 3.01 -7.21
C VAL B 112 -1.19 3.09 -5.91
N SER B 113 -2.49 2.82 -5.97
CA SER B 113 -3.34 2.71 -4.77
C SER B 113 -3.30 1.29 -4.24
N VAL B 114 -2.83 1.11 -3.01
CA VAL B 114 -2.62 -0.23 -2.47
C VAL B 114 -3.71 -0.71 -1.50
N GLY B 115 -4.49 0.19 -0.92
CA GLY B 115 -5.58 -0.20 -0.05
C GLY B 115 -6.19 1.05 0.52
N CYS B 116 -7.16 0.88 1.43
CA CYS B 116 -7.82 2.03 2.04
C CYS B 116 -7.75 1.95 3.56
N THR B 117 -7.77 3.12 4.19
CA THR B 117 -7.81 3.25 5.64
C THR B 117 -8.96 4.20 5.99
N CYS B 118 -9.32 4.25 7.27
CA CYS B 118 -10.40 5.12 7.72
C CYS B 118 -9.80 6.28 8.51
N VAL B 119 -10.08 7.52 8.11
CA VAL B 119 -9.47 8.69 8.72
C VAL B 119 -10.50 9.72 9.18
N THR B 120 -10.10 10.51 10.15
CA THR B 120 -10.91 11.67 10.49
C THR B 120 -10.85 12.65 9.32
N PRO B 121 -11.97 13.27 8.93
CA PRO B 121 -11.92 14.16 7.76
C PRO B 121 -11.14 15.43 8.01
N ILE B 122 -10.86 15.79 9.26
CA ILE B 122 -10.14 17.04 9.52
C ILE B 122 -8.63 16.79 9.60
N VAL B 123 -7.86 17.84 9.31
CA VAL B 123 -6.39 17.78 9.37
C VAL B 123 -5.92 18.65 10.53
N HIS B 124 -4.75 18.33 11.05
CA HIS B 124 -4.16 19.11 12.14
C HIS B 124 -3.10 20.10 11.68
N HIS B 125 -2.95 20.29 10.36
CA HIS B 125 -2.00 21.26 9.82
C HIS B 125 -2.69 22.58 9.50
#